data_1A4U
#
_entry.id   1A4U
#
_cell.length_a   65.495
_cell.length_b   55.599
_cell.length_c   70.070
_cell.angle_alpha   90.00
_cell.angle_beta   107.40
_cell.angle_gamma   90.00
#
_symmetry.space_group_name_H-M   'P 1 21 1'
#
loop_
_entity.id
_entity.type
_entity.pdbx_description
1 polymer 'ALCOHOL DEHYDROGENASE'
2 water water
#
_entity_poly.entity_id   1
_entity_poly.type   'polypeptide(L)'
_entity_poly.pdbx_seq_one_letter_code
;MDLTNKNVIFVAALGGIGLDTSRELVKRNLKNFVILDRVENPTALAELKAINPKVNITFHTYDVTVPVAESKKLLKKIFD
QLKTVDILINGAGILDDHQIERTIAINFTGLVNTTTAILDFWDKRKGGPGGIIANICSVTGFNAIHQVPVYSASKAAVVS
FTNSLAKLAPITGVTAYSINPGITRTPLVHTFNSWLDVEPRVAELLLSHPTQTSEQCGQNFVKAIEANKNGAIWKLDLGT
LEAIEWTKHWDSHI
;
_entity_poly.pdbx_strand_id   A,B
#
# COMPACT_ATOMS: atom_id res chain seq x y z
N MET A 1 -10.63 -20.47 -19.47
CA MET A 1 -10.49 -19.40 -20.51
C MET A 1 -9.45 -19.81 -21.56
N ASP A 2 -9.89 -19.87 -22.82
CA ASP A 2 -9.00 -20.22 -23.93
C ASP A 2 -8.30 -18.96 -24.43
N LEU A 3 -6.97 -18.94 -24.36
CA LEU A 3 -6.19 -17.79 -24.80
C LEU A 3 -6.00 -17.71 -26.31
N THR A 4 -6.49 -18.71 -27.03
CA THR A 4 -6.36 -18.73 -28.49
C THR A 4 -7.00 -17.50 -29.12
N ASN A 5 -6.25 -16.80 -29.97
CA ASN A 5 -6.73 -15.62 -30.67
C ASN A 5 -7.07 -14.43 -29.78
N LYS A 6 -6.53 -14.42 -28.56
CA LYS A 6 -6.78 -13.32 -27.63
C LYS A 6 -5.75 -12.22 -27.78
N ASN A 7 -6.16 -11.00 -27.46
CA ASN A 7 -5.30 -9.83 -27.55
C ASN A 7 -4.90 -9.50 -26.12
N VAL A 8 -3.60 -9.53 -25.84
CA VAL A 8 -3.08 -9.27 -24.50
C VAL A 8 -2.07 -8.15 -24.42
N ILE A 9 -2.16 -7.36 -23.36
CA ILE A 9 -1.22 -6.27 -23.13
C ILE A 9 -0.49 -6.69 -21.86
N PHE A 10 0.83 -6.68 -21.91
CA PHE A 10 1.62 -7.09 -20.75
C PHE A 10 2.61 -5.99 -20.40
N VAL A 11 2.38 -5.34 -19.27
CA VAL A 11 3.27 -4.28 -18.81
C VAL A 11 4.44 -4.93 -18.05
N ALA A 12 5.65 -4.70 -18.54
CA ALA A 12 6.88 -5.26 -17.96
C ALA A 12 7.01 -6.74 -18.25
N ALA A 13 6.73 -7.12 -19.49
CA ALA A 13 6.78 -8.52 -19.91
C ALA A 13 8.21 -9.05 -20.03
N LEU A 14 9.16 -8.17 -20.33
CA LEU A 14 10.55 -8.59 -20.52
C LEU A 14 11.42 -8.65 -19.27
N GLY A 15 10.81 -8.57 -18.09
CA GLY A 15 11.60 -8.61 -16.87
C GLY A 15 11.23 -9.69 -15.87
N GLY A 16 12.22 -10.11 -15.09
CA GLY A 16 12.01 -11.13 -14.08
C GLY A 16 11.15 -12.30 -14.49
N ILE A 17 10.15 -12.61 -13.68
CA ILE A 17 9.24 -13.72 -13.96
C ILE A 17 8.40 -13.41 -15.18
N GLY A 18 8.41 -12.14 -15.58
CA GLY A 18 7.63 -11.72 -16.74
C GLY A 18 8.10 -12.39 -18.02
N LEU A 19 9.41 -12.59 -18.14
CA LEU A 19 9.96 -13.21 -19.35
C LEU A 19 9.55 -14.68 -19.46
N ASP A 20 9.65 -15.42 -18.37
CA ASP A 20 9.27 -16.83 -18.38
C ASP A 20 7.76 -16.96 -18.53
N THR A 21 7.02 -15.95 -18.06
CA THR A 21 5.58 -15.97 -18.18
C THR A 21 5.22 -15.68 -19.64
N SER A 22 5.98 -14.77 -20.24
CA SER A 22 5.76 -14.38 -21.63
C SER A 22 6.03 -15.57 -22.56
N ARG A 23 7.09 -16.32 -22.27
CA ARG A 23 7.44 -17.48 -23.07
C ARG A 23 6.27 -18.46 -23.11
N GLU A 24 5.64 -18.67 -21.96
CA GLU A 24 4.52 -19.60 -21.86
C GLU A 24 3.27 -19.03 -22.52
N LEU A 25 3.07 -17.73 -22.40
CA LEU A 25 1.90 -17.08 -22.99
C LEU A 25 1.90 -17.16 -24.51
N VAL A 26 3.03 -16.84 -25.14
CA VAL A 26 3.12 -16.86 -26.59
C VAL A 26 2.85 -18.24 -27.19
N LYS A 27 3.04 -19.27 -26.38
CA LYS A 27 2.80 -20.64 -26.84
C LYS A 27 1.30 -20.92 -26.96
N ARG A 28 0.48 -20.06 -26.36
CA ARG A 28 -0.97 -20.24 -26.38
C ARG A 28 -1.68 -19.71 -27.62
N ASN A 29 -0.90 -19.33 -28.63
CA ASN A 29 -1.46 -18.83 -29.88
C ASN A 29 -2.32 -17.58 -29.76
N LEU A 30 -1.77 -16.55 -29.14
CA LEU A 30 -2.48 -15.28 -28.99
C LEU A 30 -2.52 -14.62 -30.35
N LYS A 31 -3.47 -13.72 -30.56
CA LYS A 31 -3.56 -13.01 -31.82
C LYS A 31 -2.53 -11.88 -31.77
N ASN A 32 -2.63 -11.07 -30.71
CA ASN A 32 -1.72 -9.96 -30.53
C ASN A 32 -1.18 -9.95 -29.10
N PHE A 33 0.13 -9.74 -28.98
CA PHE A 33 0.79 -9.69 -27.68
C PHE A 33 1.50 -8.34 -27.66
N VAL A 34 0.96 -7.42 -26.88
CA VAL A 34 1.53 -6.08 -26.78
C VAL A 34 2.34 -5.92 -25.51
N ILE A 35 3.63 -5.66 -25.68
CA ILE A 35 4.53 -5.50 -24.54
C ILE A 35 4.82 -4.02 -24.29
N LEU A 36 4.57 -3.58 -23.08
CA LEU A 36 4.83 -2.19 -22.70
C LEU A 36 5.90 -2.22 -21.60
N ASP A 37 7.07 -1.71 -21.91
CA ASP A 37 8.17 -1.69 -20.95
C ASP A 37 8.99 -0.42 -21.10
N ARG A 38 9.78 -0.10 -20.09
CA ARG A 38 10.61 1.11 -20.11
C ARG A 38 11.62 1.09 -21.25
N VAL A 39 12.39 0.01 -21.34
CA VAL A 39 13.40 -0.12 -22.36
C VAL A 39 13.26 -1.45 -23.09
N GLU A 40 13.46 -1.43 -24.40
CA GLU A 40 13.37 -2.64 -25.20
C GLU A 40 14.52 -3.59 -24.91
N ASN A 41 14.20 -4.88 -24.92
CA ASN A 41 15.19 -5.93 -24.72
C ASN A 41 15.12 -6.72 -26.03
N PRO A 42 15.98 -6.36 -27.00
CA PRO A 42 16.05 -7.01 -28.32
C PRO A 42 16.17 -8.52 -28.29
N THR A 43 17.03 -9.02 -27.41
CA THR A 43 17.23 -10.45 -27.27
C THR A 43 15.94 -11.13 -26.84
N ALA A 44 15.32 -10.61 -25.79
CA ALA A 44 14.09 -11.18 -25.30
C ALA A 44 12.99 -11.09 -26.37
N LEU A 45 12.90 -9.95 -27.04
CA LEU A 45 11.89 -9.76 -28.07
C LEU A 45 12.10 -10.76 -29.21
N ALA A 46 13.34 -10.92 -29.62
CA ALA A 46 13.69 -11.83 -30.70
C ALA A 46 13.35 -13.28 -30.33
N GLU A 47 13.62 -13.64 -29.08
CA GLU A 47 13.35 -14.99 -28.60
C GLU A 47 11.85 -15.31 -28.61
N LEU A 48 11.04 -14.36 -28.14
CA LEU A 48 9.60 -14.55 -28.09
C LEU A 48 9.02 -14.76 -29.49
N LYS A 49 9.42 -13.92 -30.43
CA LYS A 49 8.92 -14.04 -31.79
C LYS A 49 9.31 -15.39 -32.38
N ALA A 50 10.52 -15.84 -32.04
CA ALA A 50 11.01 -17.12 -32.53
C ALA A 50 10.23 -18.29 -31.98
N ILE A 51 9.67 -18.12 -30.78
CA ILE A 51 8.89 -19.18 -30.13
C ILE A 51 7.59 -19.47 -30.88
N ASN A 52 6.89 -18.42 -31.28
CA ASN A 52 5.63 -18.58 -32.00
C ASN A 52 5.44 -17.44 -33.00
N PRO A 53 6.01 -17.59 -34.21
CA PRO A 53 5.88 -16.55 -35.24
C PRO A 53 4.44 -16.22 -35.59
N LYS A 54 3.51 -17.10 -35.22
CA LYS A 54 2.10 -16.90 -35.50
C LYS A 54 1.52 -15.71 -34.73
N VAL A 55 2.07 -15.43 -33.55
CA VAL A 55 1.61 -14.34 -32.72
C VAL A 55 2.20 -13.00 -33.16
N ASN A 56 1.36 -11.97 -33.29
CA ASN A 56 1.85 -10.65 -33.68
C ASN A 56 2.35 -9.98 -32.40
N ILE A 57 3.66 -9.83 -32.27
CA ILE A 57 4.24 -9.22 -31.08
C ILE A 57 4.68 -7.79 -31.35
N THR A 58 4.15 -6.88 -30.54
CA THR A 58 4.52 -5.46 -30.68
C THR A 58 5.04 -4.94 -29.36
N PHE A 59 6.01 -4.03 -29.45
CA PHE A 59 6.59 -3.44 -28.26
C PHE A 59 6.41 -1.93 -28.29
N HIS A 60 6.04 -1.35 -27.16
CA HIS A 60 5.86 0.09 -27.04
C HIS A 60 6.58 0.54 -25.80
N THR A 61 7.36 1.61 -25.91
CA THR A 61 8.09 2.13 -24.76
C THR A 61 7.04 2.68 -23.79
N TYR A 62 7.14 2.29 -22.52
CA TYR A 62 6.17 2.73 -21.53
C TYR A 62 6.75 2.81 -20.12
N ASP A 63 6.56 3.96 -19.48
CA ASP A 63 7.04 4.21 -18.13
C ASP A 63 5.79 4.31 -17.25
N VAL A 64 5.57 3.31 -16.40
CA VAL A 64 4.39 3.31 -15.54
C VAL A 64 4.27 4.52 -14.64
N THR A 65 5.35 5.28 -14.48
CA THR A 65 5.31 6.45 -13.62
C THR A 65 4.73 7.70 -14.27
N VAL A 66 4.40 7.61 -15.56
CA VAL A 66 3.81 8.75 -16.26
C VAL A 66 2.37 8.99 -15.80
N PRO A 67 1.86 10.21 -16.02
CA PRO A 67 0.48 10.54 -15.61
C PRO A 67 -0.55 9.70 -16.37
N VAL A 68 -1.73 9.55 -15.79
CA VAL A 68 -2.81 8.77 -16.41
C VAL A 68 -3.14 9.27 -17.81
N ALA A 69 -3.06 10.58 -18.02
CA ALA A 69 -3.35 11.16 -19.33
C ALA A 69 -2.41 10.57 -20.37
N GLU A 70 -1.16 10.39 -19.98
CA GLU A 70 -0.13 9.85 -20.85
C GLU A 70 -0.44 8.40 -21.19
N SER A 71 -0.87 7.64 -20.19
CA SER A 71 -1.21 6.24 -20.40
C SER A 71 -2.43 6.11 -21.30
N LYS A 72 -3.40 7.01 -21.13
CA LYS A 72 -4.62 6.98 -21.93
C LYS A 72 -4.26 7.22 -23.40
N LYS A 73 -3.27 8.07 -23.62
CA LYS A 73 -2.83 8.41 -24.97
C LYS A 73 -2.27 7.16 -25.66
N LEU A 74 -1.38 6.47 -24.98
CA LEU A 74 -0.78 5.25 -25.54
C LEU A 74 -1.82 4.15 -25.73
N LEU A 75 -2.65 3.92 -24.70
CA LEU A 75 -3.68 2.90 -24.78
C LEU A 75 -4.65 3.17 -25.93
N LYS A 76 -4.96 4.44 -26.17
CA LYS A 76 -5.88 4.79 -27.25
C LYS A 76 -5.32 4.32 -28.59
N LYS A 77 -4.02 4.53 -28.77
CA LYS A 77 -3.32 4.12 -29.99
C LYS A 77 -3.42 2.61 -30.18
N ILE A 78 -3.22 1.87 -29.10
CA ILE A 78 -3.29 0.41 -29.13
C ILE A 78 -4.69 -0.10 -29.43
N PHE A 79 -5.69 0.47 -28.76
CA PHE A 79 -7.08 0.06 -28.98
C PHE A 79 -7.56 0.44 -30.38
N ASP A 80 -7.06 1.55 -30.91
CA ASP A 80 -7.47 2.00 -32.23
C ASP A 80 -7.00 0.97 -33.27
N GLN A 81 -5.78 0.48 -33.07
CA GLN A 81 -5.21 -0.50 -33.99
C GLN A 81 -5.77 -1.91 -33.80
N LEU A 82 -5.84 -2.36 -32.56
CA LEU A 82 -6.34 -3.70 -32.24
C LEU A 82 -7.85 -3.83 -32.17
N LYS A 83 -8.52 -2.73 -31.85
CA LYS A 83 -9.97 -2.68 -31.72
C LYS A 83 -10.41 -3.22 -30.36
N THR A 84 -9.89 -4.37 -29.96
CA THR A 84 -10.23 -4.96 -28.68
C THR A 84 -9.00 -5.47 -27.96
N VAL A 85 -9.08 -5.52 -26.63
CA VAL A 85 -8.02 -6.02 -25.77
C VAL A 85 -8.74 -6.88 -24.76
N ASP A 86 -8.36 -8.14 -24.67
CA ASP A 86 -8.99 -9.06 -23.75
C ASP A 86 -8.44 -9.07 -22.35
N ILE A 87 -7.12 -8.96 -22.23
CA ILE A 87 -6.48 -9.00 -20.92
C ILE A 87 -5.34 -8.00 -20.77
N LEU A 88 -5.23 -7.44 -19.57
CA LEU A 88 -4.15 -6.52 -19.25
C LEU A 88 -3.41 -7.15 -18.07
N ILE A 89 -2.10 -7.26 -18.21
CA ILE A 89 -1.28 -7.82 -17.14
C ILE A 89 -0.36 -6.71 -16.64
N ASN A 90 -0.52 -6.34 -15.39
CA ASN A 90 0.31 -5.28 -14.80
C ASN A 90 1.44 -5.96 -14.04
N GLY A 91 2.63 -5.96 -14.62
CA GLY A 91 3.75 -6.62 -13.99
C GLY A 91 4.98 -5.76 -13.70
N ALA A 92 4.80 -4.44 -13.69
CA ALA A 92 5.92 -3.55 -13.42
C ALA A 92 6.29 -3.68 -11.95
N GLY A 93 7.58 -3.61 -11.64
CA GLY A 93 7.97 -3.74 -10.25
C GLY A 93 9.44 -3.48 -10.01
N ILE A 94 9.76 -3.12 -8.77
CA ILE A 94 11.13 -2.85 -8.39
C ILE A 94 11.29 -3.24 -6.93
N LEU A 95 12.47 -3.75 -6.59
CA LEU A 95 12.78 -4.13 -5.21
C LEU A 95 14.08 -3.45 -4.83
N ASP A 96 13.96 -2.39 -4.05
CA ASP A 96 15.10 -1.62 -3.60
C ASP A 96 14.56 -0.64 -2.56
N ASP A 97 14.65 -1.02 -1.29
CA ASP A 97 14.13 -0.15 -0.25
C ASP A 97 14.96 1.08 0.05
N HIS A 98 15.98 1.32 -0.78
CA HIS A 98 16.81 2.50 -0.63
C HIS A 98 16.14 3.56 -1.51
N GLN A 99 15.22 3.11 -2.35
CA GLN A 99 14.47 4.00 -3.24
C GLN A 99 13.01 3.94 -2.82
N ILE A 100 12.70 4.65 -1.74
CA ILE A 100 11.35 4.68 -1.19
C ILE A 100 10.26 5.20 -2.14
N GLU A 101 10.42 6.43 -2.62
CA GLU A 101 9.44 7.02 -3.52
C GLU A 101 9.26 6.22 -4.81
N ARG A 102 10.36 5.83 -5.42
CA ARG A 102 10.31 5.05 -6.67
C ARG A 102 9.61 3.71 -6.48
N THR A 103 9.88 3.05 -5.36
CA THR A 103 9.28 1.75 -5.07
C THR A 103 7.77 1.88 -5.05
N ILE A 104 7.27 2.90 -4.37
CA ILE A 104 5.83 3.12 -4.26
C ILE A 104 5.24 3.56 -5.59
N ALA A 105 5.96 4.42 -6.31
CA ALA A 105 5.50 4.92 -7.60
C ALA A 105 5.36 3.81 -8.66
N ILE A 106 6.29 2.86 -8.64
CA ILE A 106 6.27 1.78 -9.62
C ILE A 106 5.39 0.60 -9.25
N ASN A 107 5.52 0.13 -8.01
CA ASN A 107 4.77 -1.02 -7.52
C ASN A 107 3.30 -0.77 -7.21
N PHE A 108 2.99 0.44 -6.76
CA PHE A 108 1.62 0.76 -6.36
C PHE A 108 0.94 1.79 -7.25
N THR A 109 1.43 3.02 -7.22
CA THR A 109 0.83 4.10 -8.00
C THR A 109 0.71 3.80 -9.49
N GLY A 110 1.78 3.28 -10.08
CA GLY A 110 1.76 2.99 -11.51
C GLY A 110 0.73 1.96 -11.90
N LEU A 111 0.55 0.93 -11.07
CA LEU A 111 -0.42 -0.11 -11.34
C LEU A 111 -1.83 0.45 -11.27
N VAL A 112 -2.08 1.31 -10.28
CA VAL A 112 -3.38 1.90 -10.12
C VAL A 112 -3.69 2.82 -11.31
N ASN A 113 -2.71 3.61 -11.73
CA ASN A 113 -2.92 4.54 -12.84
C ASN A 113 -3.15 3.83 -14.18
N THR A 114 -2.37 2.79 -14.47
CA THR A 114 -2.55 2.05 -15.72
C THR A 114 -3.96 1.46 -15.72
N THR A 115 -4.36 0.93 -14.57
CA THR A 115 -5.68 0.32 -14.43
C THR A 115 -6.76 1.37 -14.65
N THR A 116 -6.57 2.54 -14.05
CA THR A 116 -7.52 3.64 -14.19
C THR A 116 -7.60 4.09 -15.64
N ALA A 117 -6.47 4.06 -16.34
CA ALA A 117 -6.42 4.47 -17.73
C ALA A 117 -7.20 3.52 -18.65
N ILE A 118 -7.01 2.22 -18.49
CA ILE A 118 -7.70 1.27 -19.36
C ILE A 118 -9.19 1.19 -19.11
N LEU A 119 -9.63 1.53 -17.89
CA LEU A 119 -11.05 1.49 -17.58
C LEU A 119 -11.83 2.46 -18.48
N ASP A 120 -11.13 3.43 -19.07
CA ASP A 120 -11.77 4.40 -19.95
C ASP A 120 -12.29 3.72 -21.22
N PHE A 121 -11.65 2.61 -21.60
CA PHE A 121 -12.03 1.87 -22.79
C PHE A 121 -12.84 0.62 -22.49
N TRP A 122 -12.75 0.14 -21.25
CA TRP A 122 -13.44 -1.08 -20.85
C TRP A 122 -14.69 -0.92 -20.00
N ASP A 123 -14.80 0.21 -19.29
CA ASP A 123 -15.95 0.44 -18.43
C ASP A 123 -17.28 0.21 -19.14
N LYS A 124 -18.05 -0.77 -18.66
CA LYS A 124 -19.34 -1.08 -19.26
C LYS A 124 -20.29 0.10 -19.12
N ARG A 125 -20.05 0.93 -18.11
CA ARG A 125 -20.89 2.10 -17.88
C ARG A 125 -20.72 3.11 -19.01
N LYS A 126 -19.59 3.02 -19.70
CA LYS A 126 -19.31 3.92 -20.82
C LYS A 126 -19.52 3.18 -22.14
N GLY A 127 -20.25 2.07 -22.08
CA GLY A 127 -20.51 1.30 -23.28
C GLY A 127 -19.36 0.37 -23.64
N GLY A 128 -18.37 0.29 -22.75
CA GLY A 128 -17.23 -0.58 -23.01
C GLY A 128 -17.60 -2.05 -22.88
N PRO A 129 -16.77 -2.96 -23.41
CA PRO A 129 -17.03 -4.40 -23.35
C PRO A 129 -16.57 -5.09 -22.08
N GLY A 130 -15.96 -4.35 -21.17
CA GLY A 130 -15.46 -4.96 -19.95
C GLY A 130 -14.08 -5.53 -20.27
N GLY A 131 -13.49 -6.24 -19.33
CA GLY A 131 -12.18 -6.80 -19.57
C GLY A 131 -11.67 -7.59 -18.38
N ILE A 132 -10.41 -8.02 -18.47
CA ILE A 132 -9.79 -8.81 -17.40
C ILE A 132 -8.45 -8.20 -17.02
N ILE A 133 -8.21 -8.07 -15.72
CA ILE A 133 -6.93 -7.52 -15.27
C ILE A 133 -6.22 -8.52 -14.36
N ALA A 134 -4.98 -8.85 -14.71
CA ALA A 134 -4.17 -9.76 -13.93
C ALA A 134 -3.05 -8.91 -13.34
N ASN A 135 -3.04 -8.78 -12.02
CA ASN A 135 -2.03 -7.99 -11.34
C ASN A 135 -0.96 -8.86 -10.70
N ILE A 136 0.28 -8.63 -11.08
CA ILE A 136 1.38 -9.38 -10.51
C ILE A 136 1.76 -8.68 -9.21
N CYS A 137 1.49 -9.33 -8.09
CA CYS A 137 1.82 -8.75 -6.80
C CYS A 137 2.99 -9.49 -6.16
N SER A 138 2.77 -10.11 -5.01
CA SER A 138 3.84 -10.84 -4.33
C SER A 138 3.33 -11.40 -2.99
N VAL A 139 3.88 -12.54 -2.56
CA VAL A 139 3.46 -13.12 -1.30
C VAL A 139 3.79 -12.15 -0.15
N THR A 140 4.69 -11.21 -0.41
CA THR A 140 5.05 -10.25 0.61
C THR A 140 3.87 -9.32 0.86
N GLY A 141 2.87 -9.41 -0.02
CA GLY A 141 1.68 -8.61 0.12
C GLY A 141 0.77 -9.21 1.19
N PHE A 142 0.99 -10.49 1.50
CA PHE A 142 0.20 -11.18 2.51
C PHE A 142 0.89 -10.98 3.86
N ASN A 143 2.17 -11.34 3.87
CA ASN A 143 3.01 -11.24 5.06
C ASN A 143 4.36 -10.73 4.57
N ALA A 144 4.75 -9.57 5.07
CA ALA A 144 5.98 -8.92 4.65
C ALA A 144 7.30 -9.58 5.00
N ILE A 145 8.32 -9.17 4.25
CA ILE A 145 9.70 -9.58 4.52
C ILE A 145 10.01 -8.23 5.18
N HIS A 146 9.94 -8.20 6.51
CA HIS A 146 10.14 -6.95 7.23
C HIS A 146 11.45 -6.21 6.96
N GLN A 147 12.42 -6.88 6.36
CA GLN A 147 13.70 -6.23 6.05
C GLN A 147 13.56 -5.30 4.84
N VAL A 148 12.54 -5.53 4.03
CA VAL A 148 12.25 -4.68 2.88
C VAL A 148 10.77 -4.32 3.07
N PRO A 149 10.48 -3.55 4.13
CA PRO A 149 9.13 -3.12 4.49
C PRO A 149 8.39 -2.24 3.48
N VAL A 150 9.12 -1.40 2.76
CA VAL A 150 8.48 -0.52 1.78
C VAL A 150 8.01 -1.35 0.60
N TYR A 151 8.86 -2.24 0.12
CA TYR A 151 8.50 -3.12 -0.99
C TYR A 151 7.28 -3.95 -0.61
N SER A 152 7.36 -4.59 0.55
CA SER A 152 6.28 -5.44 1.05
C SER A 152 4.99 -4.66 1.19
N ALA A 153 5.08 -3.44 1.73
CA ALA A 153 3.91 -2.60 1.94
C ALA A 153 3.27 -2.20 0.59
N SER A 154 4.12 -1.90 -0.39
CA SER A 154 3.59 -1.51 -1.70
C SER A 154 2.84 -2.70 -2.31
N LYS A 155 3.30 -3.91 -2.01
CA LYS A 155 2.66 -5.12 -2.53
C LYS A 155 1.35 -5.42 -1.80
N ALA A 156 1.31 -5.12 -0.50
CA ALA A 156 0.10 -5.33 0.29
C ALA A 156 -0.98 -4.42 -0.27
N ALA A 157 -0.56 -3.24 -0.73
CA ALA A 157 -1.46 -2.27 -1.31
C ALA A 157 -2.11 -2.82 -2.59
N VAL A 158 -1.31 -3.44 -3.45
CA VAL A 158 -1.84 -3.97 -4.70
C VAL A 158 -2.74 -5.17 -4.49
N VAL A 159 -2.46 -5.97 -3.46
CA VAL A 159 -3.29 -7.13 -3.17
C VAL A 159 -4.68 -6.62 -2.78
N SER A 160 -4.70 -5.52 -2.03
CA SER A 160 -5.94 -4.91 -1.59
C SER A 160 -6.70 -4.28 -2.77
N PHE A 161 -5.97 -3.52 -3.57
CA PHE A 161 -6.54 -2.85 -4.72
C PHE A 161 -7.15 -3.86 -5.67
N THR A 162 -6.44 -4.96 -5.90
CA THR A 162 -6.93 -5.99 -6.81
C THR A 162 -8.21 -6.62 -6.25
N ASN A 163 -8.22 -6.86 -4.94
CA ASN A 163 -9.41 -7.45 -4.30
C ASN A 163 -10.61 -6.53 -4.52
N SER A 164 -10.38 -5.22 -4.44
CA SER A 164 -11.45 -4.25 -4.62
C SER A 164 -11.92 -4.25 -6.07
N LEU A 165 -10.99 -4.30 -7.01
CA LEU A 165 -11.32 -4.31 -8.42
C LEU A 165 -12.30 -5.45 -8.70
N ALA A 166 -12.02 -6.61 -8.15
CA ALA A 166 -12.86 -7.79 -8.35
C ALA A 166 -14.27 -7.58 -7.84
N LYS A 167 -14.41 -6.89 -6.71
CA LYS A 167 -15.72 -6.64 -6.13
C LYS A 167 -16.50 -5.62 -6.94
N LEU A 168 -15.82 -4.84 -7.76
CA LEU A 168 -16.47 -3.82 -8.58
C LEU A 168 -16.87 -4.36 -9.94
N ALA A 169 -16.50 -5.61 -10.23
CA ALA A 169 -16.79 -6.23 -11.52
C ALA A 169 -18.24 -6.07 -12.01
N PRO A 170 -19.23 -6.32 -11.14
CA PRO A 170 -20.62 -6.19 -11.56
C PRO A 170 -20.98 -4.78 -12.05
N ILE A 171 -20.16 -3.79 -11.68
CA ILE A 171 -20.39 -2.41 -12.06
C ILE A 171 -19.57 -1.97 -13.29
N THR A 172 -18.31 -2.38 -13.32
CA THR A 172 -17.41 -2.00 -14.40
C THR A 172 -17.33 -3.03 -15.54
N GLY A 173 -17.63 -4.27 -15.23
CA GLY A 173 -17.56 -5.32 -16.24
C GLY A 173 -16.13 -5.81 -16.34
N VAL A 174 -15.25 -5.23 -15.52
CA VAL A 174 -13.84 -5.61 -15.52
C VAL A 174 -13.53 -6.53 -14.35
N THR A 175 -13.12 -7.76 -14.64
CA THR A 175 -12.77 -8.70 -13.58
C THR A 175 -11.28 -8.58 -13.29
N ALA A 176 -10.85 -9.09 -12.15
CA ALA A 176 -9.44 -9.01 -11.78
C ALA A 176 -9.06 -10.02 -10.73
N TYR A 177 -7.78 -10.37 -10.71
CA TYR A 177 -7.23 -11.31 -9.75
C TYR A 177 -5.75 -11.02 -9.61
N SER A 178 -5.15 -11.44 -8.51
CA SER A 178 -3.73 -11.17 -8.28
C SER A 178 -2.90 -12.44 -8.38
N ILE A 179 -1.69 -12.27 -8.91
CA ILE A 179 -0.73 -13.36 -9.06
C ILE A 179 0.38 -13.02 -8.07
N ASN A 180 0.54 -13.87 -7.05
CA ASN A 180 1.53 -13.61 -6.02
C ASN A 180 2.61 -14.66 -5.91
N PRO A 181 3.74 -14.46 -6.59
CA PRO A 181 4.83 -15.43 -6.56
C PRO A 181 5.59 -15.38 -5.23
N GLY A 182 6.05 -16.55 -4.79
CA GLY A 182 6.84 -16.63 -3.58
C GLY A 182 8.26 -16.38 -4.05
N ILE A 183 9.25 -16.71 -3.23
CA ILE A 183 10.65 -16.49 -3.62
C ILE A 183 11.00 -17.34 -4.83
N THR A 184 11.48 -16.67 -5.88
CA THR A 184 11.86 -17.35 -7.12
C THR A 184 13.21 -16.85 -7.63
N ARG A 185 13.93 -17.71 -8.33
CA ARG A 185 15.24 -17.35 -8.87
C ARG A 185 15.06 -16.81 -10.29
N THR A 186 14.48 -15.61 -10.38
CA THR A 186 14.21 -14.96 -11.65
C THR A 186 15.04 -13.69 -11.76
N PRO A 187 15.17 -12.94 -10.65
CA PRO A 187 15.99 -11.74 -10.77
C PRO A 187 17.41 -12.20 -11.08
N LEU A 188 17.89 -11.81 -12.25
CA LEU A 188 19.24 -12.19 -12.64
C LEU A 188 20.16 -11.98 -11.44
N VAL A 189 20.39 -10.71 -11.08
CA VAL A 189 21.24 -10.40 -9.94
C VAL A 189 20.48 -10.46 -8.63
N HIS A 190 21.02 -11.22 -7.67
CA HIS A 190 20.37 -11.32 -6.37
C HIS A 190 21.18 -10.55 -5.33
N THR A 191 20.64 -9.40 -4.93
CA THR A 191 21.28 -8.54 -3.95
C THR A 191 20.47 -7.24 -3.86
N PHE A 192 19.42 -7.24 -3.03
CA PHE A 192 18.65 -6.02 -2.91
C PHE A 192 18.96 -5.23 -1.65
N ASN A 193 18.58 -3.97 -1.66
CA ASN A 193 18.81 -3.08 -0.53
C ASN A 193 17.67 -3.12 0.47
N SER A 194 18.03 -3.33 1.74
CA SER A 194 17.05 -3.38 2.79
C SER A 194 16.84 -1.96 3.30
N TRP A 195 15.69 -1.72 3.91
CA TRP A 195 15.36 -0.40 4.43
C TRP A 195 16.35 -0.01 5.54
N LEU A 196 17.00 1.13 5.38
CA LEU A 196 17.99 1.63 6.34
C LEU A 196 19.05 0.57 6.64
N ASP A 197 19.27 -0.31 5.67
CA ASP A 197 20.25 -1.38 5.79
C ASP A 197 20.09 -2.21 7.06
N VAL A 198 18.84 -2.53 7.42
CA VAL A 198 18.61 -3.33 8.62
C VAL A 198 19.16 -4.74 8.43
N GLU A 199 19.26 -5.19 7.19
CA GLU A 199 19.78 -6.52 6.89
C GLU A 199 20.34 -6.57 5.47
N PRO A 200 21.64 -6.31 5.31
CA PRO A 200 22.27 -6.33 3.98
C PRO A 200 22.37 -7.71 3.33
N ARG A 201 22.04 -8.75 4.09
CA ARG A 201 22.13 -10.12 3.57
C ARG A 201 20.77 -10.76 3.29
N VAL A 202 19.74 -9.95 3.11
CA VAL A 202 18.40 -10.47 2.86
C VAL A 202 18.33 -11.48 1.71
N ALA A 203 18.90 -11.13 0.57
CA ALA A 203 18.88 -12.03 -0.59
C ALA A 203 19.55 -13.35 -0.22
N GLU A 204 20.74 -13.28 0.34
CA GLU A 204 21.50 -14.46 0.74
C GLU A 204 20.68 -15.37 1.63
N LEU A 205 20.05 -14.80 2.65
CA LEU A 205 19.23 -15.56 3.58
C LEU A 205 17.99 -16.18 2.93
N LEU A 206 17.28 -15.39 2.14
CA LEU A 206 16.07 -15.86 1.46
C LEU A 206 16.36 -17.08 0.59
N LEU A 207 17.51 -17.07 -0.07
CA LEU A 207 17.90 -18.16 -0.95
C LEU A 207 18.37 -19.39 -0.18
N SER A 208 18.42 -19.28 1.14
CA SER A 208 18.85 -20.40 1.98
C SER A 208 17.66 -21.28 2.35
N HIS A 209 16.49 -20.92 1.86
CA HIS A 209 15.27 -21.68 2.12
C HIS A 209 14.66 -22.14 0.80
N PRO A 210 13.70 -23.08 0.85
CA PRO A 210 13.06 -23.58 -0.37
C PRO A 210 12.51 -22.49 -1.28
N THR A 211 12.88 -22.57 -2.55
CA THR A 211 12.43 -21.60 -3.55
C THR A 211 11.84 -22.37 -4.72
N GLN A 212 11.47 -21.65 -5.77
CA GLN A 212 10.91 -22.26 -6.96
C GLN A 212 11.66 -21.70 -8.16
N THR A 213 11.57 -22.38 -9.29
CA THR A 213 12.26 -21.93 -10.49
C THR A 213 11.41 -20.89 -11.23
N SER A 214 12.07 -20.07 -12.04
CA SER A 214 11.38 -19.05 -12.81
C SER A 214 10.39 -19.71 -13.77
N GLU A 215 10.74 -20.88 -14.28
CA GLU A 215 9.89 -21.61 -15.22
C GLU A 215 8.66 -22.18 -14.53
N GLN A 216 8.84 -22.66 -13.30
CA GLN A 216 7.73 -23.23 -12.53
C GLN A 216 6.69 -22.14 -12.31
N CYS A 217 7.19 -20.94 -12.01
CA CYS A 217 6.32 -19.79 -11.77
C CYS A 217 5.61 -19.38 -13.06
N GLY A 218 6.36 -19.31 -14.15
CA GLY A 218 5.78 -18.92 -15.43
C GLY A 218 4.63 -19.83 -15.87
N GLN A 219 4.79 -21.13 -15.70
CA GLN A 219 3.77 -22.10 -16.07
C GLN A 219 2.53 -21.97 -15.21
N ASN A 220 2.72 -21.79 -13.90
CA ASN A 220 1.59 -21.64 -13.00
C ASN A 220 0.90 -20.30 -13.25
N PHE A 221 1.68 -19.33 -13.72
CA PHE A 221 1.15 -18.00 -14.02
C PHE A 221 0.11 -18.12 -15.12
N VAL A 222 0.45 -18.83 -16.19
CA VAL A 222 -0.48 -19.00 -17.30
C VAL A 222 -1.69 -19.82 -16.87
N LYS A 223 -1.47 -20.83 -16.03
CA LYS A 223 -2.56 -21.65 -15.55
C LYS A 223 -3.57 -20.80 -14.79
N ALA A 224 -3.07 -19.86 -14.01
CA ALA A 224 -3.94 -18.97 -13.23
C ALA A 224 -4.78 -18.12 -14.19
N ILE A 225 -4.13 -17.61 -15.23
CA ILE A 225 -4.82 -16.79 -16.22
C ILE A 225 -5.93 -17.59 -16.89
N GLU A 226 -5.64 -18.84 -17.23
CA GLU A 226 -6.64 -19.69 -17.88
C GLU A 226 -7.77 -20.04 -16.91
N ALA A 227 -7.45 -20.12 -15.62
CA ALA A 227 -8.47 -20.41 -14.63
C ALA A 227 -9.51 -19.29 -14.66
N ASN A 228 -9.04 -18.08 -14.98
CA ASN A 228 -9.90 -16.90 -15.10
C ASN A 228 -10.90 -16.76 -13.97
N LYS A 229 -10.40 -16.73 -12.73
CA LYS A 229 -11.27 -16.60 -11.56
C LYS A 229 -11.26 -15.19 -11.00
N ASN A 230 -12.36 -14.47 -11.16
CA ASN A 230 -12.47 -13.12 -10.65
C ASN A 230 -12.34 -13.09 -9.12
N GLY A 231 -11.48 -12.21 -8.62
CA GLY A 231 -11.29 -12.11 -7.19
C GLY A 231 -10.35 -13.12 -6.58
N ALA A 232 -9.74 -13.95 -7.42
CA ALA A 232 -8.81 -14.94 -6.92
C ALA A 232 -7.52 -14.30 -6.43
N ILE A 233 -6.96 -14.85 -5.36
CA ILE A 233 -5.70 -14.37 -4.82
C ILE A 233 -4.79 -15.58 -4.99
N TRP A 234 -4.11 -15.64 -6.13
CA TRP A 234 -3.24 -16.76 -6.45
C TRP A 234 -1.87 -16.70 -5.81
N LYS A 235 -1.49 -17.79 -5.15
CA LYS A 235 -0.18 -17.86 -4.54
C LYS A 235 0.63 -18.86 -5.37
N LEU A 236 1.72 -18.37 -5.97
CA LEU A 236 2.59 -19.23 -6.78
C LEU A 236 3.86 -19.39 -5.96
N ASP A 237 3.85 -20.39 -5.08
CA ASP A 237 4.98 -20.63 -4.20
C ASP A 237 5.42 -22.08 -4.26
N LEU A 238 6.74 -22.30 -4.29
CA LEU A 238 7.32 -23.63 -4.32
C LEU A 238 6.76 -24.51 -5.45
N GLY A 239 6.63 -23.92 -6.63
CA GLY A 239 6.15 -24.65 -7.79
C GLY A 239 4.67 -25.00 -7.85
N THR A 240 3.89 -24.56 -6.88
CA THR A 240 2.47 -24.87 -6.87
C THR A 240 1.59 -23.64 -7.07
N LEU A 241 0.33 -23.89 -7.42
CA LEU A 241 -0.64 -22.83 -7.63
C LEU A 241 -1.78 -23.03 -6.65
N GLU A 242 -2.02 -22.05 -5.79
CA GLU A 242 -3.07 -22.16 -4.80
C GLU A 242 -3.77 -20.82 -4.57
N ALA A 243 -5.09 -20.87 -4.38
CA ALA A 243 -5.86 -19.67 -4.13
C ALA A 243 -6.06 -19.57 -2.62
N ILE A 244 -5.61 -18.46 -2.03
CA ILE A 244 -5.76 -18.28 -0.60
C ILE A 244 -7.03 -17.50 -0.28
N GLU A 245 -7.56 -17.72 0.91
CA GLU A 245 -8.77 -17.04 1.36
C GLU A 245 -8.37 -15.86 2.22
N TRP A 246 -8.79 -14.67 1.83
CA TRP A 246 -8.47 -13.47 2.59
C TRP A 246 -9.32 -13.42 3.85
N THR A 247 -8.67 -13.21 5.00
CA THR A 247 -9.37 -13.17 6.27
C THR A 247 -10.28 -11.95 6.36
N LYS A 248 -11.50 -12.18 6.85
CA LYS A 248 -12.47 -11.10 7.01
C LYS A 248 -12.40 -10.58 8.44
N HIS A 249 -11.56 -9.57 8.66
CA HIS A 249 -11.40 -8.98 9.97
C HIS A 249 -12.47 -7.93 10.21
N TRP A 250 -12.91 -7.28 9.13
CA TRP A 250 -13.91 -6.23 9.22
C TRP A 250 -14.79 -6.21 7.97
N ASP A 251 -16.04 -5.81 8.15
CA ASP A 251 -17.01 -5.74 7.05
C ASP A 251 -17.64 -4.36 6.97
N SER A 252 -17.51 -3.71 5.82
CA SER A 252 -18.08 -2.37 5.63
C SER A 252 -19.60 -2.46 5.55
N HIS A 253 -20.10 -3.65 5.25
CA HIS A 253 -21.55 -3.90 5.13
C HIS A 253 -22.13 -3.32 3.83
N ILE A 254 -21.27 -2.73 3.00
CA ILE A 254 -21.73 -2.15 1.74
C ILE A 254 -20.95 -2.71 0.54
N MET B 1 2.07 1.82 30.07
CA MET B 1 2.95 3.00 29.82
C MET B 1 2.34 4.27 30.37
N ASP B 2 3.11 4.94 31.23
CA ASP B 2 2.68 6.19 31.86
C ASP B 2 3.05 7.39 30.99
N LEU B 3 2.04 8.10 30.51
CA LEU B 3 2.27 9.25 29.65
C LEU B 3 2.70 10.51 30.40
N THR B 4 2.68 10.45 31.73
CA THR B 4 3.08 11.60 32.54
C THR B 4 4.50 12.05 32.21
N ASN B 5 4.66 13.34 31.94
CA ASN B 5 5.95 13.93 31.63
C ASN B 5 6.60 13.42 30.35
N LYS B 6 5.80 12.85 29.45
CA LYS B 6 6.32 12.34 28.20
C LYS B 6 6.29 13.40 27.10
N ASN B 7 7.21 13.29 26.15
CA ASN B 7 7.31 14.22 25.03
C ASN B 7 6.74 13.50 23.82
N VAL B 8 5.70 14.08 23.25
CA VAL B 8 5.01 13.46 22.12
C VAL B 8 4.91 14.35 20.89
N ILE B 9 5.12 13.75 19.72
CA ILE B 9 4.99 14.47 18.47
C ILE B 9 3.78 13.83 17.80
N PHE B 10 2.84 14.66 17.36
CA PHE B 10 1.63 14.17 16.73
C PHE B 10 1.45 14.83 15.38
N VAL B 11 1.61 14.04 14.31
CA VAL B 11 1.44 14.55 12.96
C VAL B 11 -0.04 14.50 12.61
N ALA B 12 -0.61 15.66 12.30
CA ALA B 12 -2.03 15.79 11.95
C ALA B 12 -2.92 15.63 13.19
N ALA B 13 -2.52 16.27 14.28
CA ALA B 13 -3.25 16.20 15.54
C ALA B 13 -4.56 16.99 15.52
N LEU B 14 -4.61 18.04 14.70
CA LEU B 14 -5.81 18.89 14.65
C LEU B 14 -6.90 18.47 13.67
N GLY B 15 -6.81 17.25 13.14
CA GLY B 15 -7.83 16.80 12.20
C GLY B 15 -8.56 15.51 12.55
N GLY B 16 -9.79 15.41 12.08
CA GLY B 16 -10.60 14.22 12.32
C GLY B 16 -10.53 13.65 13.72
N ILE B 17 -10.27 12.35 13.82
CA ILE B 17 -10.18 11.68 15.11
C ILE B 17 -8.96 12.18 15.87
N GLY B 18 -8.08 12.87 15.16
CA GLY B 18 -6.88 13.38 15.79
C GLY B 18 -7.17 14.42 16.86
N LEU B 19 -8.19 15.23 16.64
CA LEU B 19 -8.56 16.27 17.61
C LEU B 19 -9.10 15.67 18.90
N ASP B 20 -9.99 14.69 18.77
CA ASP B 20 -10.56 14.04 19.96
C ASP B 20 -9.49 13.21 20.66
N THR B 21 -8.52 12.73 19.90
CA THR B 21 -7.43 11.94 20.47
C THR B 21 -6.50 12.90 21.21
N SER B 22 -6.30 14.07 20.62
CA SER B 22 -5.43 15.09 21.23
C SER B 22 -6.02 15.58 22.54
N ARG B 23 -7.34 15.77 22.58
CA ARG B 23 -8.01 16.23 23.78
C ARG B 23 -7.75 15.26 24.93
N GLU B 24 -7.81 13.97 24.63
CA GLU B 24 -7.59 12.94 25.65
C GLU B 24 -6.12 12.86 26.04
N LEU B 25 -5.24 13.03 25.07
CA LEU B 25 -3.80 12.97 25.32
C LEU B 25 -3.32 14.06 26.27
N VAL B 26 -3.72 15.30 26.00
CA VAL B 26 -3.31 16.44 26.82
C VAL B 26 -3.74 16.30 28.28
N LYS B 27 -4.77 15.49 28.53
CA LYS B 27 -5.26 15.28 29.88
C LYS B 27 -4.31 14.39 30.68
N ARG B 28 -3.40 13.71 29.97
CA ARG B 28 -2.44 12.80 30.60
C ARG B 28 -1.20 13.47 31.18
N ASN B 29 -1.19 14.79 31.22
CA ASN B 29 -0.06 15.54 31.76
C ASN B 29 1.26 15.31 31.06
N LEU B 30 1.28 15.49 29.75
CA LEU B 30 2.50 15.33 28.97
C LEU B 30 3.39 16.52 29.29
N LYS B 31 4.69 16.38 29.05
CA LYS B 31 5.61 17.47 29.29
C LYS B 31 5.52 18.39 28.07
N ASN B 32 5.71 17.80 26.89
CA ASN B 32 5.65 18.53 25.64
C ASN B 32 4.78 17.81 24.63
N PHE B 33 3.92 18.56 23.95
CA PHE B 33 3.04 18.01 22.94
C PHE B 33 3.31 18.82 21.68
N VAL B 34 3.99 18.20 20.73
CA VAL B 34 4.35 18.86 19.49
C VAL B 34 3.41 18.46 18.36
N ILE B 35 2.71 19.43 17.81
CA ILE B 35 1.77 19.19 16.73
C ILE B 35 2.35 19.63 15.40
N LEU B 36 2.38 18.71 14.44
CA LEU B 36 2.89 19.00 13.12
C LEU B 36 1.74 18.81 12.14
N ASP B 37 1.29 19.90 11.53
CA ASP B 37 0.19 19.84 10.58
C ASP B 37 0.42 20.80 9.43
N ARG B 38 -0.20 20.51 8.29
CA ARG B 38 -0.04 21.33 7.10
C ARG B 38 -0.79 22.65 7.22
N VAL B 39 -1.95 22.61 7.87
CA VAL B 39 -2.77 23.79 8.01
C VAL B 39 -2.93 24.22 9.47
N GLU B 40 -2.80 25.53 9.69
CA GLU B 40 -2.93 26.10 11.02
C GLU B 40 -4.39 26.09 11.44
N ASN B 41 -4.63 25.78 12.71
CA ASN B 41 -5.98 25.76 13.26
C ASN B 41 -5.95 26.43 14.64
N PRO B 42 -6.01 27.77 14.67
CA PRO B 42 -5.99 28.55 15.91
C PRO B 42 -7.02 28.14 16.96
N THR B 43 -8.24 27.84 16.51
CA THR B 43 -9.30 27.44 17.43
C THR B 43 -8.94 26.17 18.21
N ALA B 44 -8.68 25.08 17.50
CA ALA B 44 -8.31 23.81 18.11
C ALA B 44 -7.11 23.94 19.04
N LEU B 45 -6.12 24.73 18.61
CA LEU B 45 -4.91 24.94 19.41
C LEU B 45 -5.26 25.61 20.74
N ALA B 46 -6.12 26.62 20.66
CA ALA B 46 -6.55 27.34 21.85
C ALA B 46 -7.30 26.43 22.82
N GLU B 47 -8.15 25.55 22.28
CA GLU B 47 -8.92 24.63 23.10
C GLU B 47 -8.02 23.64 23.85
N LEU B 48 -7.04 23.10 23.15
CA LEU B 48 -6.12 22.15 23.74
C LEU B 48 -5.34 22.77 24.91
N LYS B 49 -4.80 23.95 24.67
CA LYS B 49 -4.04 24.64 25.71
C LYS B 49 -4.93 24.92 26.92
N ALA B 50 -6.20 25.21 26.68
CA ALA B 50 -7.15 25.49 27.75
C ALA B 50 -7.47 24.25 28.56
N ILE B 51 -7.38 23.08 27.94
CA ILE B 51 -7.68 21.82 28.63
C ILE B 51 -6.66 21.51 29.72
N ASN B 52 -5.38 21.70 29.41
CA ASN B 52 -4.32 21.43 30.37
C ASN B 52 -3.16 22.40 30.18
N PRO B 53 -3.25 23.60 30.78
CA PRO B 53 -2.18 24.60 30.65
C PRO B 53 -0.82 24.09 31.10
N LYS B 54 -0.81 23.00 31.85
CA LYS B 54 0.43 22.42 32.36
C LYS B 54 1.30 21.86 31.23
N VAL B 55 0.66 21.39 30.17
CA VAL B 55 1.37 20.83 29.02
C VAL B 55 1.90 21.90 28.09
N ASN B 56 3.16 21.76 27.68
CA ASN B 56 3.74 22.71 26.76
C ASN B 56 3.34 22.24 25.36
N ILE B 57 2.48 23.01 24.71
CA ILE B 57 2.03 22.66 23.38
C ILE B 57 2.61 23.60 22.34
N THR B 58 3.28 23.02 21.34
CA THR B 58 3.89 23.78 20.28
C THR B 58 3.41 23.25 18.94
N PHE B 59 3.25 24.16 17.99
CA PHE B 59 2.77 23.80 16.65
C PHE B 59 3.82 24.18 15.62
N HIS B 60 4.04 23.28 14.66
CA HIS B 60 5.00 23.53 13.59
C HIS B 60 4.31 23.18 12.29
N THR B 61 4.43 24.04 11.29
CA THR B 61 3.82 23.78 9.99
C THR B 61 4.58 22.60 9.39
N TYR B 62 3.85 21.60 8.91
CA TYR B 62 4.48 20.41 8.34
C TYR B 62 3.64 19.73 7.26
N ASP B 63 4.25 19.52 6.10
CA ASP B 63 3.58 18.87 4.97
C ASP B 63 4.25 17.50 4.81
N VAL B 64 3.53 16.43 5.14
CA VAL B 64 4.08 15.08 5.05
C VAL B 64 4.61 14.71 3.67
N THR B 65 4.21 15.47 2.64
CA THR B 65 4.65 15.16 1.29
C THR B 65 6.04 15.69 0.95
N VAL B 66 6.67 16.42 1.88
CA VAL B 66 8.01 16.93 1.62
C VAL B 66 9.04 15.81 1.68
N PRO B 67 10.22 16.01 1.07
CA PRO B 67 11.28 14.99 1.07
C PRO B 67 11.78 14.69 2.48
N VAL B 68 12.35 13.50 2.65
CA VAL B 68 12.86 13.08 3.96
C VAL B 68 13.88 14.08 4.52
N ALA B 69 14.68 14.66 3.64
CA ALA B 69 15.69 15.64 4.08
C ALA B 69 15.01 16.80 4.78
N GLU B 70 13.86 17.21 4.26
CA GLU B 70 13.09 18.30 4.81
C GLU B 70 12.56 17.93 6.20
N SER B 71 12.07 16.71 6.33
CA SER B 71 11.55 16.23 7.60
C SER B 71 12.66 16.12 8.64
N LYS B 72 13.84 15.70 8.20
CA LYS B 72 14.98 15.56 9.11
C LYS B 72 15.37 16.93 9.65
N LYS B 73 15.24 17.94 8.81
CA LYS B 73 15.57 19.30 9.19
C LYS B 73 14.66 19.77 10.32
N LEU B 74 13.35 19.59 10.14
CA LEU B 74 12.39 20.00 11.15
C LEU B 74 12.53 19.18 12.43
N LEU B 75 12.68 17.87 12.29
CA LEU B 75 12.82 16.99 13.45
C LEU B 75 14.08 17.36 14.26
N LYS B 76 15.15 17.72 13.56
CA LYS B 76 16.39 18.08 14.23
C LYS B 76 16.16 19.27 15.16
N LYS B 77 15.40 20.25 14.67
CA LYS B 77 15.07 21.44 15.44
C LYS B 77 14.29 21.07 16.71
N ILE B 78 13.36 20.15 16.56
CA ILE B 78 12.53 19.70 17.68
C ILE B 78 13.34 18.93 18.71
N PHE B 79 14.19 18.02 18.25
CA PHE B 79 15.02 17.23 19.16
C PHE B 79 16.02 18.12 19.87
N ASP B 80 16.33 19.26 19.25
CA ASP B 80 17.26 20.23 19.81
C ASP B 80 16.63 20.94 21.00
N GLN B 81 15.32 21.16 20.92
CA GLN B 81 14.59 21.84 21.99
C GLN B 81 14.08 20.89 23.07
N LEU B 82 13.70 19.68 22.68
CA LEU B 82 13.18 18.71 23.63
C LEU B 82 14.25 17.73 24.13
N LYS B 83 15.31 17.57 23.36
CA LYS B 83 16.40 16.65 23.70
C LYS B 83 15.94 15.22 23.49
N THR B 84 14.73 14.91 23.94
CA THR B 84 14.18 13.57 23.77
C THR B 84 12.74 13.61 23.31
N VAL B 85 12.32 12.56 22.61
CA VAL B 85 10.96 12.44 22.12
C VAL B 85 10.61 10.98 22.40
N ASP B 86 9.55 10.78 23.17
CA ASP B 86 9.15 9.43 23.55
C ASP B 86 8.27 8.71 22.55
N ILE B 87 7.33 9.44 21.96
CA ILE B 87 6.41 8.84 21.00
C ILE B 87 6.13 9.72 19.79
N LEU B 88 5.99 9.08 18.64
CA LEU B 88 5.65 9.77 17.41
C LEU B 88 4.34 9.14 16.94
N ILE B 89 3.36 9.97 16.65
CA ILE B 89 2.07 9.51 16.18
C ILE B 89 1.88 10.03 14.75
N ASN B 90 1.81 9.12 13.79
CA ASN B 90 1.63 9.49 12.39
C ASN B 90 0.13 9.40 12.08
N GLY B 91 -0.52 10.55 12.01
CA GLY B 91 -1.95 10.56 11.74
C GLY B 91 -2.41 11.33 10.52
N ALA B 92 -1.50 11.63 9.60
CA ALA B 92 -1.86 12.36 8.40
C ALA B 92 -2.71 11.45 7.52
N GLY B 93 -3.71 12.02 6.86
CA GLY B 93 -4.55 11.20 6.01
C GLY B 93 -5.53 11.97 5.18
N ILE B 94 -5.96 11.35 4.08
CA ILE B 94 -6.92 11.97 3.19
C ILE B 94 -7.78 10.87 2.58
N LEU B 95 -9.05 11.17 2.36
CA LEU B 95 -9.97 10.22 1.75
C LEU B 95 -10.64 10.93 0.57
N ASP B 96 -10.18 10.58 -0.63
CA ASP B 96 -10.70 11.17 -1.86
C ASP B 96 -10.07 10.37 -2.99
N ASP B 97 -10.80 9.38 -3.48
CA ASP B 97 -10.25 8.55 -4.54
C ASP B 97 -10.21 9.22 -5.91
N HIS B 98 -10.54 10.49 -5.96
CA HIS B 98 -10.47 11.24 -7.21
C HIS B 98 -9.05 11.81 -7.26
N GLN B 99 -8.37 11.75 -6.11
CA GLN B 99 -7.00 12.22 -5.99
C GLN B 99 -6.10 11.02 -5.71
N ILE B 100 -5.84 10.24 -6.74
CA ILE B 100 -5.02 9.04 -6.61
C ILE B 100 -3.61 9.25 -6.09
N GLU B 101 -2.82 10.07 -6.79
CA GLU B 101 -1.45 10.34 -6.37
C GLU B 101 -1.35 10.93 -4.97
N ARG B 102 -2.18 11.93 -4.69
CA ARG B 102 -2.17 12.59 -3.39
C ARG B 102 -2.55 11.63 -2.27
N THR B 103 -3.50 10.75 -2.53
CA THR B 103 -3.95 9.79 -1.52
C THR B 103 -2.79 8.91 -1.09
N ILE B 104 -2.05 8.41 -2.09
CA ILE B 104 -0.92 7.54 -1.81
C ILE B 104 0.23 8.31 -1.17
N ALA B 105 0.46 9.54 -1.63
CA ALA B 105 1.53 10.36 -1.09
C ALA B 105 1.33 10.73 0.38
N ILE B 106 0.09 11.00 0.76
CA ILE B 106 -0.22 11.38 2.14
C ILE B 106 -0.40 10.20 3.09
N ASN B 107 -1.20 9.22 2.67
CA ASN B 107 -1.52 8.06 3.50
C ASN B 107 -0.41 7.02 3.64
N PHE B 108 0.40 6.87 2.61
CA PHE B 108 1.43 5.86 2.59
C PHE B 108 2.84 6.43 2.57
N THR B 109 3.22 7.06 1.47
CA THR B 109 4.57 7.61 1.32
C THR B 109 4.98 8.55 2.46
N GLY B 110 4.10 9.48 2.81
CA GLY B 110 4.42 10.43 3.86
C GLY B 110 4.69 9.78 5.21
N LEU B 111 3.91 8.78 5.55
CA LEU B 111 4.08 8.07 6.81
C LEU B 111 5.42 7.34 6.82
N VAL B 112 5.77 6.72 5.70
CA VAL B 112 7.02 6.01 5.60
C VAL B 112 8.21 6.96 5.71
N ASN B 113 8.10 8.12 5.06
CA ASN B 113 9.19 9.09 5.08
C ASN B 113 9.39 9.74 6.45
N THR B 114 8.31 10.09 7.13
CA THR B 114 8.42 10.69 8.45
C THR B 114 9.07 9.66 9.39
N THR B 115 8.66 8.40 9.26
CA THR B 115 9.21 7.34 10.07
C THR B 115 10.69 7.17 9.79
N THR B 116 11.05 7.20 8.51
CA THR B 116 12.44 7.05 8.10
C THR B 116 13.28 8.22 8.63
N ALA B 117 12.67 9.40 8.66
CA ALA B 117 13.35 10.59 9.15
C ALA B 117 13.68 10.52 10.65
N ILE B 118 12.69 10.14 11.46
CA ILE B 118 12.92 10.07 12.90
C ILE B 118 13.88 8.96 13.31
N LEU B 119 13.98 7.91 12.50
CA LEU B 119 14.88 6.82 12.85
C LEU B 119 16.33 7.32 12.92
N ASP B 120 16.60 8.45 12.30
CA ASP B 120 17.94 9.02 12.31
C ASP B 120 18.34 9.44 13.72
N PHE B 121 17.36 9.78 14.54
CA PHE B 121 17.60 10.21 15.91
C PHE B 121 17.33 9.11 16.94
N TRP B 122 16.55 8.12 16.55
CA TRP B 122 16.17 7.03 17.45
C TRP B 122 16.90 5.69 17.27
N ASP B 123 17.42 5.44 16.08
CA ASP B 123 18.09 4.19 15.80
C ASP B 123 19.16 3.85 16.83
N LYS B 124 18.96 2.74 17.54
CA LYS B 124 19.91 2.32 18.56
C LYS B 124 21.26 2.00 17.92
N ARG B 125 21.25 1.64 16.64
CA ARG B 125 22.47 1.32 15.93
C ARG B 125 23.33 2.57 15.78
N LYS B 126 22.70 3.73 15.86
CA LYS B 126 23.41 5.00 15.75
C LYS B 126 23.59 5.62 17.12
N GLY B 127 23.41 4.81 18.16
CA GLY B 127 23.55 5.31 19.51
C GLY B 127 22.30 5.98 20.02
N GLY B 128 21.22 5.90 19.24
CA GLY B 128 19.97 6.50 19.64
C GLY B 128 19.32 5.75 20.78
N PRO B 129 18.35 6.35 21.47
CA PRO B 129 17.65 5.72 22.60
C PRO B 129 16.46 4.85 22.22
N GLY B 130 16.15 4.79 20.93
CA GLY B 130 15.01 4.00 20.50
C GLY B 130 13.79 4.89 20.65
N GLY B 131 12.61 4.32 20.44
CA GLY B 131 11.40 5.11 20.54
C GLY B 131 10.15 4.29 20.26
N ILE B 132 9.02 4.98 20.21
CA ILE B 132 7.73 4.32 19.96
C ILE B 132 6.99 5.02 18.82
N ILE B 133 6.45 4.24 17.89
CA ILE B 133 5.70 4.85 16.80
C ILE B 133 4.28 4.29 16.76
N ALA B 134 3.31 5.20 16.79
CA ALA B 134 1.90 4.83 16.74
C ALA B 134 1.38 5.31 15.39
N ASN B 135 1.03 4.37 14.53
CA ASN B 135 0.54 4.72 13.20
C ASN B 135 -0.97 4.62 13.13
N ILE B 136 -1.62 5.72 12.73
CA ILE B 136 -3.06 5.72 12.60
C ILE B 136 -3.36 5.21 11.20
N CYS B 137 -3.93 4.01 11.13
CA CYS B 137 -4.25 3.43 9.82
C CYS B 137 -5.76 3.44 9.62
N SER B 138 -6.37 2.27 9.47
CA SER B 138 -7.81 2.18 9.26
C SER B 138 -8.23 0.73 9.10
N VAL B 139 -9.46 0.39 9.48
CA VAL B 139 -9.94 -0.97 9.33
C VAL B 139 -10.00 -1.34 7.85
N THR B 140 -10.00 -0.33 6.99
CA THR B 140 -10.02 -0.58 5.54
C THR B 140 -8.70 -1.18 5.12
N GLY B 141 -7.73 -1.16 6.04
CA GLY B 141 -6.43 -1.75 5.76
C GLY B 141 -6.51 -3.25 5.91
N PHE B 142 -7.53 -3.73 6.61
CA PHE B 142 -7.72 -5.17 6.82
C PHE B 142 -8.56 -5.69 5.66
N ASN B 143 -9.71 -5.05 5.47
CA ASN B 143 -10.66 -5.39 4.42
C ASN B 143 -11.17 -4.07 3.86
N ALA B 144 -10.92 -3.86 2.58
CA ALA B 144 -11.28 -2.63 1.91
C ALA B 144 -12.75 -2.28 1.75
N ILE B 145 -13.00 -1.00 1.54
CA ILE B 145 -14.32 -0.50 1.22
C ILE B 145 -13.98 -0.41 -0.26
N HIS B 146 -14.36 -1.40 -1.04
CA HIS B 146 -14.02 -1.44 -2.46
C HIS B 146 -14.41 -0.25 -3.30
N GLN B 147 -15.32 0.59 -2.79
CA GLN B 147 -15.75 1.77 -3.53
C GLN B 147 -14.70 2.87 -3.46
N VAL B 148 -13.81 2.78 -2.47
CA VAL B 148 -12.69 3.73 -2.34
C VAL B 148 -11.48 2.81 -2.21
N PRO B 149 -11.16 2.10 -3.31
CA PRO B 149 -10.03 1.14 -3.37
C PRO B 149 -8.65 1.72 -3.17
N VAL B 150 -8.41 2.95 -3.62
CA VAL B 150 -7.10 3.55 -3.49
C VAL B 150 -6.83 3.90 -2.03
N TYR B 151 -7.83 4.50 -1.39
CA TYR B 151 -7.71 4.85 0.02
C TYR B 151 -7.46 3.57 0.82
N SER B 152 -8.31 2.57 0.61
CA SER B 152 -8.20 1.31 1.31
C SER B 152 -6.84 0.66 1.08
N ALA B 153 -6.36 0.69 -0.16
CA ALA B 153 -5.07 0.10 -0.50
C ALA B 153 -3.93 0.82 0.20
N SER B 154 -4.01 2.14 0.25
CA SER B 154 -2.96 2.91 0.91
C SER B 154 -2.92 2.55 2.38
N LYS B 155 -4.07 2.23 2.96
CA LYS B 155 -4.15 1.86 4.37
C LYS B 155 -3.63 0.45 4.61
N ALA B 156 -3.88 -0.45 3.65
CA ALA B 156 -3.40 -1.82 3.78
C ALA B 156 -1.86 -1.76 3.80
N ALA B 157 -1.33 -0.82 3.04
CA ALA B 157 0.13 -0.63 2.96
C ALA B 157 0.70 -0.25 4.33
N VAL B 158 0.04 0.68 5.01
CA VAL B 158 0.53 1.13 6.31
C VAL B 158 0.39 0.08 7.40
N VAL B 159 -0.63 -0.76 7.29
CA VAL B 159 -0.83 -1.82 8.28
C VAL B 159 0.34 -2.78 8.15
N SER B 160 0.77 -3.01 6.91
CA SER B 160 1.89 -3.91 6.63
C SER B 160 3.20 -3.30 7.10
N PHE B 161 3.41 -2.03 6.73
CA PHE B 161 4.61 -1.31 7.10
C PHE B 161 4.79 -1.28 8.62
N THR B 162 3.69 -1.02 9.33
CA THR B 162 3.73 -0.96 10.78
C THR B 162 4.08 -2.32 11.36
N ASN B 163 3.51 -3.39 10.78
CA ASN B 163 3.80 -4.74 11.24
C ASN B 163 5.30 -5.02 11.10
N SER B 164 5.88 -4.55 10.00
CA SER B 164 7.31 -4.75 9.75
C SER B 164 8.15 -3.97 10.75
N LEU B 165 7.75 -2.73 11.01
CA LEU B 165 8.47 -1.89 11.95
C LEU B 165 8.58 -2.61 13.29
N ALA B 166 7.49 -3.18 13.75
CA ALA B 166 7.46 -3.91 15.01
C ALA B 166 8.44 -5.07 15.04
N LYS B 167 8.57 -5.79 13.92
CA LYS B 167 9.47 -6.92 13.85
C LYS B 167 10.94 -6.49 13.83
N LEU B 168 11.18 -5.23 13.47
CA LEU B 168 12.54 -4.71 13.43
C LEU B 168 12.98 -4.10 14.76
N ALA B 169 12.05 -4.01 15.71
CA ALA B 169 12.32 -3.43 17.03
C ALA B 169 13.63 -3.88 17.69
N PRO B 170 13.91 -5.20 17.72
CA PRO B 170 15.15 -5.68 18.33
C PRO B 170 16.41 -5.10 17.69
N ILE B 171 16.28 -4.60 16.47
CA ILE B 171 17.42 -4.04 15.74
C ILE B 171 17.51 -2.51 15.84
N THR B 172 16.36 -1.86 15.74
CA THR B 172 16.30 -0.40 15.76
C THR B 172 16.01 0.19 17.14
N GLY B 173 15.39 -0.60 18.00
CA GLY B 173 15.06 -0.11 19.33
C GLY B 173 13.76 0.66 19.28
N VAL B 174 13.19 0.76 18.08
CA VAL B 174 11.93 1.48 17.87
C VAL B 174 10.76 0.51 17.77
N THR B 175 9.83 0.60 18.71
CA THR B 175 8.65 -0.26 18.68
C THR B 175 7.55 0.46 17.92
N ALA B 176 6.54 -0.30 17.50
CA ALA B 176 5.45 0.30 16.75
C ALA B 176 4.20 -0.56 16.76
N TYR B 177 3.05 0.09 16.57
CA TYR B 177 1.76 -0.59 16.52
C TYR B 177 0.82 0.30 15.72
N SER B 178 -0.25 -0.29 15.20
CA SER B 178 -1.18 0.47 14.40
C SER B 178 -2.51 0.67 15.11
N ILE B 179 -3.11 1.83 14.86
CA ILE B 179 -4.39 2.19 15.43
C ILE B 179 -5.34 2.22 14.24
N ASN B 180 -6.30 1.31 14.22
CA ASN B 180 -7.22 1.23 13.09
C ASN B 180 -8.67 1.46 13.45
N PRO B 181 -9.14 2.70 13.29
CA PRO B 181 -10.53 3.03 13.62
C PRO B 181 -11.49 2.51 12.57
N GLY B 182 -12.69 2.14 13.01
CA GLY B 182 -13.72 1.69 12.10
C GLY B 182 -14.43 2.95 11.70
N ILE B 183 -15.63 2.84 11.13
CA ILE B 183 -16.38 4.02 10.71
C ILE B 183 -16.73 4.88 11.93
N THR B 184 -16.33 6.15 11.87
CA THR B 184 -16.58 7.09 12.96
C THR B 184 -17.09 8.41 12.42
N ARG B 185 -17.89 9.12 13.22
CA ARG B 185 -18.43 10.41 12.82
C ARG B 185 -17.48 11.52 13.31
N THR B 186 -16.32 11.60 12.67
CA THR B 186 -15.29 12.57 13.00
C THR B 186 -15.12 13.54 11.85
N PRO B 187 -15.13 13.03 10.61
CA PRO B 187 -14.97 13.98 9.50
C PRO B 187 -16.16 14.94 9.57
N LEU B 188 -15.88 16.21 9.85
CA LEU B 188 -16.93 17.22 9.97
C LEU B 188 -18.09 17.02 9.01
N VAL B 189 -17.80 16.83 7.73
CA VAL B 189 -18.85 16.62 6.74
C VAL B 189 -18.58 15.33 5.98
N HIS B 190 -19.61 14.50 5.84
CA HIS B 190 -19.48 13.24 5.14
C HIS B 190 -19.91 13.32 3.68
N THR B 191 -18.96 13.08 2.79
CA THR B 191 -19.19 13.07 1.35
C THR B 191 -17.86 12.93 0.63
N PHE B 192 -17.39 11.70 0.49
CA PHE B 192 -16.13 11.45 -0.21
C PHE B 192 -16.32 10.94 -1.62
N ASN B 193 -15.28 11.11 -2.42
CA ASN B 193 -15.31 10.68 -3.81
C ASN B 193 -14.85 9.24 -3.97
N SER B 194 -15.65 8.45 -4.67
CA SER B 194 -15.34 7.06 -4.92
C SER B 194 -14.50 6.99 -6.19
N TRP B 195 -13.72 5.92 -6.32
CA TRP B 195 -12.88 5.74 -7.48
C TRP B 195 -13.75 5.62 -8.73
N LEU B 196 -13.48 6.48 -9.72
CA LEU B 196 -14.22 6.51 -10.98
C LEU B 196 -15.73 6.60 -10.74
N ASP B 197 -16.09 7.19 -9.60
CA ASP B 197 -17.48 7.36 -9.21
C ASP B 197 -18.30 6.08 -9.27
N VAL B 198 -17.71 4.98 -8.81
CA VAL B 198 -18.42 3.70 -8.82
C VAL B 198 -19.61 3.74 -7.87
N GLU B 199 -19.52 4.59 -6.84
CA GLU B 199 -20.59 4.73 -5.86
C GLU B 199 -20.54 6.11 -5.20
N PRO B 200 -21.28 7.07 -5.76
CA PRO B 200 -21.30 8.43 -5.19
C PRO B 200 -21.98 8.55 -3.82
N ARG B 201 -22.63 7.48 -3.37
CA ARG B 201 -23.33 7.51 -2.08
C ARG B 201 -22.63 6.70 -0.99
N VAL B 202 -21.33 6.47 -1.13
CA VAL B 202 -20.58 5.69 -0.14
C VAL B 202 -20.75 6.20 1.30
N ALA B 203 -20.57 7.49 1.49
CA ALA B 203 -20.70 8.06 2.83
C ALA B 203 -22.10 7.79 3.38
N GLU B 204 -23.11 8.12 2.59
CA GLU B 204 -24.50 7.92 2.98
C GLU B 204 -24.75 6.49 3.42
N LEU B 205 -24.29 5.52 2.62
CA LEU B 205 -24.48 4.11 2.92
C LEU B 205 -23.74 3.67 4.17
N LEU B 206 -22.48 4.06 4.29
CA LEU B 206 -21.66 3.70 5.45
C LEU B 206 -22.30 4.14 6.75
N LEU B 207 -22.91 5.32 6.74
CA LEU B 207 -23.55 5.87 7.93
C LEU B 207 -24.89 5.21 8.23
N SER B 208 -25.31 4.29 7.36
CA SER B 208 -26.57 3.59 7.55
C SER B 208 -26.36 2.34 8.40
N HIS B 209 -25.12 2.12 8.83
CA HIS B 209 -24.78 0.96 9.65
C HIS B 209 -24.18 1.44 10.97
N PRO B 210 -24.06 0.55 11.96
CA PRO B 210 -23.48 0.92 13.26
C PRO B 210 -22.12 1.59 13.15
N THR B 211 -22.00 2.73 13.83
CA THR B 211 -20.75 3.49 13.85
C THR B 211 -20.40 3.78 15.30
N GLN B 212 -19.33 4.55 15.49
CA GLN B 212 -18.89 4.91 16.83
C GLN B 212 -18.69 6.42 16.85
N THR B 213 -18.66 7.00 18.04
CA THR B 213 -18.47 8.44 18.16
C THR B 213 -16.98 8.79 18.12
N SER B 214 -16.69 10.03 17.75
CA SER B 214 -15.31 10.50 17.67
C SER B 214 -14.65 10.43 19.05
N GLU B 215 -15.45 10.66 20.09
CA GLU B 215 -14.94 10.61 21.47
C GLU B 215 -14.63 9.19 21.92
N GLN B 216 -15.47 8.25 21.51
CA GLN B 216 -15.28 6.84 21.86
C GLN B 216 -13.95 6.38 21.28
N CYS B 217 -13.68 6.82 20.05
CA CYS B 217 -12.46 6.48 19.36
C CYS B 217 -11.25 7.11 20.04
N GLY B 218 -11.38 8.40 20.37
CA GLY B 218 -10.29 9.12 21.01
C GLY B 218 -9.85 8.49 22.32
N GLN B 219 -10.82 8.07 23.14
CA GLN B 219 -10.52 7.44 24.43
C GLN B 219 -9.84 6.10 24.25
N ASN B 220 -10.31 5.30 23.31
CA ASN B 220 -9.71 3.99 23.06
C ASN B 220 -8.33 4.17 22.45
N PHE B 221 -8.15 5.28 21.73
CA PHE B 221 -6.88 5.59 21.10
C PHE B 221 -5.81 5.74 22.17
N VAL B 222 -6.12 6.52 23.21
CA VAL B 222 -5.16 6.74 24.28
C VAL B 222 -4.93 5.45 25.06
N LYS B 223 -5.98 4.67 25.23
CA LYS B 223 -5.84 3.40 25.95
C LYS B 223 -4.87 2.47 25.23
N ALA B 224 -4.91 2.49 23.90
CA ALA B 224 -4.02 1.66 23.10
C ALA B 224 -2.58 2.12 23.30
N ILE B 225 -2.39 3.44 23.32
CA ILE B 225 -1.06 4.02 23.52
C ILE B 225 -0.50 3.60 24.88
N GLU B 226 -1.33 3.65 25.90
CA GLU B 226 -0.90 3.27 27.24
C GLU B 226 -0.62 1.77 27.33
N ALA B 227 -1.34 0.98 26.52
CA ALA B 227 -1.12 -0.45 26.52
C ALA B 227 0.32 -0.70 26.06
N ASN B 228 0.81 0.17 25.19
CA ASN B 228 2.18 0.11 24.67
C ASN B 228 2.60 -1.30 24.26
N LYS B 229 1.84 -1.90 23.34
CA LYS B 229 2.14 -3.25 22.87
C LYS B 229 2.79 -3.22 21.49
N ASN B 230 4.07 -3.58 21.43
CA ASN B 230 4.79 -3.59 20.17
C ASN B 230 4.19 -4.63 19.23
N GLY B 231 3.93 -4.23 17.99
CA GLY B 231 3.37 -5.16 17.03
C GLY B 231 1.88 -5.34 17.10
N ALA B 232 1.22 -4.61 17.99
CA ALA B 232 -0.23 -4.74 18.12
C ALA B 232 -0.94 -4.11 16.92
N ILE B 233 -2.04 -4.74 16.52
CA ILE B 233 -2.86 -4.24 15.41
C ILE B 233 -4.19 -3.94 16.09
N TRP B 234 -4.32 -2.71 16.59
CA TRP B 234 -5.52 -2.29 17.30
C TRP B 234 -6.69 -1.92 16.41
N LYS B 235 -7.84 -2.50 16.70
CA LYS B 235 -9.05 -2.20 15.96
C LYS B 235 -9.95 -1.40 16.90
N LEU B 236 -10.24 -0.16 16.52
CA LEU B 236 -11.10 0.71 17.32
C LEU B 236 -12.39 0.82 16.53
N ASP B 237 -13.29 -0.13 16.77
CA ASP B 237 -14.56 -0.18 16.05
C ASP B 237 -15.73 -0.32 17.02
N LEU B 238 -16.80 0.41 16.74
CA LEU B 238 -18.01 0.39 17.56
C LEU B 238 -17.75 0.63 19.04
N GLY B 239 -16.90 1.61 19.34
CA GLY B 239 -16.59 1.96 20.71
C GLY B 239 -15.71 1.01 21.51
N THR B 240 -15.22 -0.05 20.88
CA THR B 240 -14.37 -0.99 21.60
C THR B 240 -12.93 -1.00 21.10
N LEU B 241 -12.05 -1.58 21.90
CA LEU B 241 -10.62 -1.67 21.58
C LEU B 241 -10.26 -3.16 21.56
N GLU B 242 -9.80 -3.64 20.41
CA GLU B 242 -9.44 -5.03 20.29
C GLU B 242 -8.20 -5.23 19.41
N ALA B 243 -7.35 -6.17 19.78
CA ALA B 243 -6.16 -6.46 19.01
C ALA B 243 -6.46 -7.65 18.12
N ILE B 244 -6.32 -7.48 16.81
CA ILE B 244 -6.59 -8.58 15.89
C ILE B 244 -5.31 -9.35 15.57
N GLU B 245 -5.47 -10.62 15.24
CA GLU B 245 -4.35 -11.47 14.88
C GLU B 245 -4.22 -11.50 13.37
N TRP B 246 -3.07 -11.12 12.85
CA TRP B 246 -2.84 -11.11 11.42
C TRP B 246 -2.63 -12.55 10.94
N THR B 247 -3.37 -12.93 9.91
CA THR B 247 -3.27 -14.29 9.37
C THR B 247 -1.92 -14.52 8.71
N LYS B 248 -1.33 -15.68 8.95
CA LYS B 248 -0.05 -16.00 8.35
C LYS B 248 -0.26 -16.87 7.12
N HIS B 249 -0.08 -16.28 5.94
CA HIS B 249 -0.24 -17.00 4.69
C HIS B 249 1.11 -17.40 4.14
N TRP B 250 2.15 -16.67 4.52
CA TRP B 250 3.50 -16.93 4.04
C TRP B 250 4.53 -16.43 5.03
N ASP B 251 5.64 -17.16 5.15
CA ASP B 251 6.70 -16.75 6.06
C ASP B 251 8.05 -16.71 5.36
N SER B 252 8.84 -15.69 5.66
CA SER B 252 10.16 -15.52 5.06
C SER B 252 11.19 -16.33 5.83
N HIS B 253 10.88 -16.61 7.09
CA HIS B 253 11.76 -17.38 7.97
C HIS B 253 12.99 -16.59 8.42
N ILE B 254 12.99 -15.29 8.16
CA ILE B 254 14.11 -14.44 8.57
C ILE B 254 13.61 -13.20 9.32
#